data_1U00
#
_entry.id   1U00
#
_cell.length_a   62.761
_cell.length_b   83.340
_cell.length_c   128.734
_cell.angle_alpha   90.00
_cell.angle_beta   90.00
_cell.angle_gamma   90.00
#
_symmetry.space_group_name_H-M   'I 2 2 2'
#
loop_
_entity.id
_entity.type
_entity.pdbx_description
1 polymer 'Chaperone protein hscA'
2 polymer 'IscU recognition peptide'
3 water water
#
loop_
_entity_poly.entity_id
_entity_poly.type
_entity_poly.pdbx_seq_one_letter_code
_entity_poly.pdbx_strand_id
1 'polypeptide(L)'
;MDVIPLSLGLETMGGLVEKVIPRNTTIPVARAQDFTTFKDGQTAMSIHVMQGERELVQDCRSLARFALRGIPALPAGGAH
IRVTFQVDADGLLSVTAMEKSTGVEASIQVKPSYGLTDSEIASMIKDSMSYAEQDVKARMLAEQKVEAARVLESLHGALA
ADAALLSAAERQVIDDAAAHLSEVAQGDDVDAIEQAIKNVDKQTQDFAARRMDQSVRRALKGHSVDE
;
A
2 'polypeptide(L)' ELPPVKIHC P
#
# COMPACT_ATOMS: atom_id res chain seq x y z
N MET A 1 -18.87 15.54 -26.08
CA MET A 1 -19.09 14.45 -25.08
C MET A 1 -18.85 14.95 -23.64
N ASP A 2 -19.53 14.27 -22.69
CA ASP A 2 -19.40 14.40 -21.26
C ASP A 2 -18.05 13.99 -20.66
N VAL A 3 -17.68 14.55 -19.52
CA VAL A 3 -16.40 14.24 -18.89
C VAL A 3 -16.62 13.91 -17.41
N ILE A 4 -15.66 13.26 -16.78
CA ILE A 4 -15.72 13.00 -15.33
C ILE A 4 -15.39 14.27 -14.56
N PRO A 5 -16.24 14.70 -13.62
CA PRO A 5 -16.01 16.00 -12.95
C PRO A 5 -14.89 15.95 -11.92
N LEU A 6 -14.62 14.80 -11.32
CA LEU A 6 -13.56 14.67 -10.31
C LEU A 6 -12.80 13.39 -10.53
N SER A 7 -11.55 13.27 -10.04
CA SER A 7 -10.72 12.10 -10.27
C SER A 7 -11.33 10.95 -9.51
N LEU A 8 -11.19 9.74 -10.05
CA LEU A 8 -11.65 8.52 -9.41
C LEU A 8 -10.37 7.73 -9.07
N GLY A 9 -10.31 7.19 -7.87
CA GLY A 9 -9.14 6.45 -7.43
C GLY A 9 -9.40 5.46 -6.35
N LEU A 10 -8.33 4.98 -5.76
CA LEU A 10 -8.37 3.86 -4.85
C LEU A 10 -7.58 4.21 -3.60
N GLU A 11 -8.03 3.80 -2.40
CA GLU A 11 -7.20 3.91 -1.21
C GLU A 11 -5.97 2.99 -1.33
N THR A 12 -4.81 3.51 -1.01
CA THR A 12 -3.59 2.69 -0.86
C THR A 12 -3.02 2.78 0.56
N MET A 13 -2.10 1.90 0.90
CA MET A 13 -1.52 1.86 2.24
C MET A 13 -1.13 3.26 2.74
N GLY A 14 -1.49 3.56 3.98
CA GLY A 14 -1.09 4.79 4.63
C GLY A 14 -2.19 5.82 4.60
N GLY A 15 -3.40 5.40 4.23
CA GLY A 15 -4.53 6.34 4.16
C GLY A 15 -4.41 7.33 2.96
N LEU A 16 -3.81 6.90 1.82
CA LEU A 16 -3.54 7.76 0.68
C LEU A 16 -4.49 7.35 -0.45
N VAL A 17 -4.70 8.25 -1.42
CA VAL A 17 -5.54 7.99 -2.56
C VAL A 17 -4.71 8.03 -3.85
N GLU A 18 -4.73 6.92 -4.58
CA GLU A 18 -4.05 6.82 -5.89
C GLU A 18 -5.10 7.07 -6.98
N LYS A 19 -4.90 8.07 -7.83
CA LYS A 19 -5.85 8.41 -8.88
C LYS A 19 -5.71 7.46 -10.05
N VAL A 20 -6.81 6.90 -10.52
CA VAL A 20 -6.84 5.91 -11.60
C VAL A 20 -7.42 6.61 -12.82
N ILE A 21 -8.55 7.33 -12.68
CA ILE A 21 -9.10 8.06 -13.86
C ILE A 21 -9.05 9.56 -13.48
N PRO A 22 -8.26 10.39 -14.17
CA PRO A 22 -8.18 11.85 -13.85
C PRO A 22 -9.46 12.65 -14.16
N ARG A 23 -9.72 13.63 -13.30
CA ARG A 23 -10.69 14.67 -13.50
C ARG A 23 -10.61 15.17 -15.01
N ASN A 24 -11.78 15.43 -15.61
CA ASN A 24 -11.86 15.94 -16.96
C ASN A 24 -11.56 14.96 -18.11
N THR A 25 -11.56 13.69 -17.78
CA THR A 25 -11.39 12.68 -18.77
C THR A 25 -12.76 12.47 -19.47
N THR A 26 -12.79 12.42 -20.79
CA THR A 26 -14.03 12.16 -21.55
C THR A 26 -14.59 10.72 -21.25
N ILE A 27 -15.89 10.56 -21.13
CA ILE A 27 -16.44 9.24 -20.93
C ILE A 27 -17.10 8.81 -22.25
N PRO A 28 -17.18 7.52 -22.59
CA PRO A 28 -16.79 6.37 -21.76
C PRO A 28 -15.29 6.17 -21.74
N VAL A 29 -14.75 5.63 -20.64
CA VAL A 29 -13.32 5.46 -20.50
C VAL A 29 -13.05 4.27 -19.57
N ALA A 30 -11.89 3.68 -19.72
CA ALA A 30 -11.38 2.70 -18.78
C ALA A 30 -9.87 2.89 -18.62
N ARG A 31 -9.37 2.72 -17.38
CA ARG A 31 -7.96 2.84 -17.03
C ARG A 31 -7.68 1.80 -15.95
N ALA A 32 -6.45 1.28 -15.90
CA ALA A 32 -6.08 0.33 -14.87
C ALA A 32 -4.84 0.77 -14.17
N GLN A 33 -4.58 0.28 -12.97
CA GLN A 33 -3.27 0.42 -12.28
C GLN A 33 -2.97 -0.85 -11.51
N ASP A 34 -1.71 -1.13 -11.24
CA ASP A 34 -1.30 -2.38 -10.66
C ASP A 34 -0.75 -2.25 -9.24
N PHE A 35 -0.95 -3.26 -8.39
CA PHE A 35 -0.74 -3.18 -6.97
C PHE A 35 -0.29 -4.51 -6.48
N THR A 36 0.11 -4.53 -5.20
CA THR A 36 0.57 -5.77 -4.59
C THR A 36 0.19 -5.82 -3.11
N THR A 37 0.64 -6.88 -2.44
CA THR A 37 0.33 -7.15 -1.04
C THR A 37 1.40 -6.50 -0.16
N PHE A 38 1.05 -6.37 1.10
CA PHE A 38 1.85 -5.77 2.14
C PHE A 38 2.44 -6.81 3.11
N LYS A 39 1.82 -7.97 3.25
CA LYS A 39 2.31 -8.98 4.19
C LYS A 39 2.41 -10.36 3.58
N ASP A 40 3.35 -11.12 4.11
CA ASP A 40 3.60 -12.48 3.70
C ASP A 40 2.28 -13.28 3.78
N GLY A 41 1.92 -14.10 2.79
CA GLY A 41 0.70 -14.90 2.90
C GLY A 41 -0.63 -14.17 2.84
N GLN A 42 -0.62 -12.87 2.57
CA GLN A 42 -1.89 -12.11 2.40
C GLN A 42 -2.84 -12.71 1.36
N THR A 43 -4.10 -13.03 1.73
CA THR A 43 -4.99 -13.62 0.76
C THR A 43 -6.10 -12.69 0.36
N ALA A 44 -6.18 -11.53 0.99
CA ALA A 44 -7.25 -10.59 0.64
C ALA A 44 -6.77 -9.13 0.48
N MET A 45 -7.50 -8.34 -0.31
CA MET A 45 -7.12 -6.92 -0.38
C MET A 45 -8.40 -6.10 -0.45
N SER A 46 -8.40 -4.99 0.26
CA SER A 46 -9.56 -4.08 0.28
C SER A 46 -9.54 -3.05 -0.84
N ILE A 47 -10.54 -3.02 -1.71
CA ILE A 47 -10.61 -2.10 -2.85
C ILE A 47 -11.62 -0.98 -2.50
N HIS A 48 -11.14 0.25 -2.19
CA HIS A 48 -11.96 1.30 -1.63
C HIS A 48 -11.90 2.40 -2.65
N VAL A 49 -12.97 2.56 -3.40
CA VAL A 49 -13.14 3.47 -4.52
C VAL A 49 -13.52 4.90 -4.00
N MET A 50 -12.75 5.89 -4.38
CA MET A 50 -12.96 7.25 -3.97
C MET A 50 -12.97 8.25 -5.10
N GLN A 51 -13.46 9.43 -4.77
CA GLN A 51 -13.64 10.49 -5.70
C GLN A 51 -13.09 11.74 -5.09
N GLY A 52 -12.27 12.47 -5.86
CA GLY A 52 -11.71 13.72 -5.38
C GLY A 52 -10.28 13.96 -5.87
N GLU A 53 -9.72 15.11 -5.52
CA GLU A 53 -8.45 15.55 -5.99
C GLU A 53 -7.32 15.53 -4.95
N ARG A 54 -7.63 15.49 -3.66
CA ARG A 54 -6.63 15.55 -2.61
C ARG A 54 -5.94 14.20 -2.29
N GLU A 55 -4.91 14.19 -1.45
CA GLU A 55 -4.00 13.07 -1.35
C GLU A 55 -4.44 12.12 -0.24
N LEU A 56 -5.15 12.62 0.80
CA LEU A 56 -5.57 11.74 1.91
C LEU A 56 -7.01 11.24 1.82
N VAL A 57 -7.23 10.00 2.30
CA VAL A 57 -8.56 9.41 2.25
C VAL A 57 -9.62 10.31 2.88
N GLN A 58 -9.26 10.91 3.99
CA GLN A 58 -10.23 11.73 4.73
C GLN A 58 -10.61 12.99 3.99
N ASP A 59 -9.80 13.39 3.01
CA ASP A 59 -10.18 14.53 2.21
C ASP A 59 -10.83 14.21 0.86
N CYS A 60 -11.15 12.93 0.56
CA CYS A 60 -11.86 12.56 -0.67
C CYS A 60 -13.20 11.97 -0.30
N ARG A 61 -14.06 11.81 -1.26
CA ARG A 61 -15.36 11.18 -1.02
C ARG A 61 -15.38 9.67 -1.21
N SER A 62 -15.79 8.89 -0.22
CA SER A 62 -15.85 7.43 -0.31
C SER A 62 -17.04 7.02 -1.19
N LEU A 63 -16.82 6.32 -2.31
CA LEU A 63 -17.91 5.86 -3.15
C LEU A 63 -18.36 4.42 -2.81
N ALA A 64 -17.40 3.51 -2.64
CA ALA A 64 -17.75 2.08 -2.36
C ALA A 64 -16.55 1.33 -1.91
N ARG A 65 -16.77 0.18 -1.31
CA ARG A 65 -15.68 -0.66 -0.87
C ARG A 65 -16.08 -2.11 -1.10
N PHE A 66 -15.11 -2.95 -1.53
CA PHE A 66 -15.29 -4.38 -1.64
C PHE A 66 -13.94 -5.08 -1.44
N ALA A 67 -13.87 -6.40 -1.35
CA ALA A 67 -12.56 -7.08 -1.25
C ALA A 67 -12.33 -8.05 -2.35
N LEU A 68 -11.08 -8.16 -2.75
CA LEU A 68 -10.63 -9.23 -3.56
C LEU A 68 -10.15 -10.29 -2.57
N ARG A 69 -10.61 -11.51 -2.75
CA ARG A 69 -10.23 -12.63 -1.85
C ARG A 69 -9.71 -13.78 -2.68
N GLY A 70 -9.09 -14.78 -2.07
CA GLY A 70 -8.60 -15.92 -2.85
C GLY A 70 -7.22 -15.63 -3.50
N ILE A 71 -6.53 -14.56 -3.05
CA ILE A 71 -5.20 -14.28 -3.63
C ILE A 71 -4.34 -15.46 -3.19
N PRO A 72 -3.57 -16.10 -4.07
CA PRO A 72 -2.63 -17.14 -3.60
C PRO A 72 -1.65 -16.60 -2.56
N ALA A 73 -1.35 -17.40 -1.56
CA ALA A 73 -0.51 -16.99 -0.46
C ALA A 73 0.95 -16.93 -1.00
N LEU A 74 1.55 -15.76 -0.93
CA LEU A 74 2.91 -15.58 -1.48
C LEU A 74 3.61 -14.59 -0.54
N PRO A 75 4.92 -14.47 -0.63
CA PRO A 75 5.67 -13.49 0.18
C PRO A 75 5.17 -12.06 -0.08
N ALA A 76 5.32 -11.16 0.87
CA ALA A 76 4.85 -9.80 0.76
C ALA A 76 5.41 -9.17 -0.53
N GLY A 77 4.55 -8.51 -1.28
CA GLY A 77 4.95 -7.89 -2.54
C GLY A 77 4.98 -8.85 -3.70
N GLY A 78 4.59 -10.11 -3.54
CA GLY A 78 4.75 -11.09 -4.59
C GLY A 78 3.54 -11.26 -5.50
N ALA A 79 2.35 -11.12 -4.97
CA ALA A 79 1.14 -11.26 -5.82
C ALA A 79 0.94 -10.06 -6.67
N HIS A 80 0.54 -10.23 -7.92
CA HIS A 80 0.41 -9.09 -8.79
C HIS A 80 -1.11 -8.88 -9.03
N ILE A 81 -1.63 -7.77 -8.57
CA ILE A 81 -3.04 -7.35 -8.78
C ILE A 81 -3.25 -6.21 -9.79
N ARG A 82 -4.17 -6.33 -10.72
CA ARG A 82 -4.54 -5.20 -11.59
C ARG A 82 -5.95 -4.75 -11.17
N VAL A 83 -6.14 -3.46 -10.92
CA VAL A 83 -7.52 -2.88 -10.73
C VAL A 83 -7.88 -2.00 -11.90
N THR A 84 -8.97 -2.32 -12.54
CA THR A 84 -9.48 -1.59 -13.63
C THR A 84 -10.75 -0.77 -13.26
N PHE A 85 -10.75 0.51 -13.62
CA PHE A 85 -11.93 1.39 -13.44
C PHE A 85 -12.55 1.64 -14.81
N GLN A 86 -13.86 1.48 -14.93
CA GLN A 86 -14.58 1.70 -16.18
C GLN A 86 -15.76 2.66 -15.95
N VAL A 87 -15.91 3.72 -16.72
CA VAL A 87 -17.11 4.56 -16.59
C VAL A 87 -17.76 4.55 -17.98
N ASP A 88 -19.01 4.09 -18.06
CA ASP A 88 -19.68 3.97 -19.34
C ASP A 88 -20.30 5.33 -19.71
N ALA A 89 -20.85 5.43 -20.92
CA ALA A 89 -21.45 6.68 -21.43
C ALA A 89 -22.63 7.17 -20.59
N ASP A 90 -23.29 6.28 -19.87
CA ASP A 90 -24.32 6.72 -18.93
C ASP A 90 -23.77 7.03 -17.51
N GLY A 91 -22.46 6.98 -17.29
CA GLY A 91 -21.92 7.22 -15.98
C GLY A 91 -21.89 6.06 -15.02
N LEU A 92 -22.26 4.85 -15.42
CA LEU A 92 -22.08 3.69 -14.58
C LEU A 92 -20.57 3.42 -14.37
N LEU A 93 -20.17 3.21 -13.12
CA LEU A 93 -18.79 2.93 -12.74
C LEU A 93 -18.68 1.49 -12.38
N SER A 94 -17.83 0.76 -13.06
CA SER A 94 -17.44 -0.61 -12.67
C SER A 94 -15.98 -0.65 -12.23
N VAL A 95 -15.69 -1.36 -11.14
CA VAL A 95 -14.29 -1.52 -10.71
C VAL A 95 -14.03 -3.00 -10.58
N THR A 96 -12.93 -3.50 -11.16
CA THR A 96 -12.58 -4.88 -11.09
C THR A 96 -11.18 -5.06 -10.57
N ALA A 97 -10.94 -5.97 -9.60
CA ALA A 97 -9.61 -6.33 -9.15
C ALA A 97 -9.35 -7.77 -9.56
N MET A 98 -8.15 -8.07 -10.06
CA MET A 98 -7.83 -9.37 -10.52
C MET A 98 -6.35 -9.70 -10.26
N GLU A 99 -6.06 -10.96 -9.91
CA GLU A 99 -4.70 -11.37 -9.57
C GLU A 99 -4.13 -12.16 -10.75
N LYS A 100 -2.81 -12.05 -10.99
CA LYS A 100 -2.21 -12.49 -12.22
C LYS A 100 -2.20 -14.04 -12.46
N SER A 101 -1.72 -14.77 -11.50
CA SER A 101 -1.37 -16.16 -11.68
C SER A 101 -2.55 -17.06 -11.75
N THR A 102 -3.69 -16.71 -11.09
CA THR A 102 -4.88 -17.56 -11.10
C THR A 102 -6.06 -16.89 -11.79
N GLY A 103 -5.96 -15.57 -12.01
CA GLY A 103 -7.09 -14.89 -12.63
C GLY A 103 -8.23 -14.66 -11.64
N VAL A 104 -8.07 -14.99 -10.39
CA VAL A 104 -9.13 -14.72 -9.45
C VAL A 104 -9.54 -13.20 -9.56
N GLU A 105 -10.84 -12.91 -9.48
CA GLU A 105 -11.33 -11.54 -9.58
C GLU A 105 -12.52 -11.24 -8.71
N ALA A 106 -12.71 -9.95 -8.43
CA ALA A 106 -13.90 -9.44 -7.75
C ALA A 106 -14.24 -8.10 -8.40
N SER A 107 -15.54 -7.75 -8.50
CA SER A 107 -15.91 -6.52 -9.10
C SER A 107 -17.21 -5.96 -8.52
N ILE A 108 -17.37 -4.67 -8.68
CA ILE A 108 -18.65 -4.03 -8.37
C ILE A 108 -19.03 -3.09 -9.46
N GLN A 109 -20.34 -2.82 -9.53
CA GLN A 109 -20.82 -1.73 -10.28
C GLN A 109 -21.60 -0.74 -9.37
N VAL A 110 -21.38 0.55 -9.53
CA VAL A 110 -21.96 1.59 -8.73
C VAL A 110 -22.81 2.48 -9.62
N LYS A 111 -24.14 2.41 -9.42
CA LYS A 111 -25.06 3.30 -10.13
C LYS A 111 -24.78 4.79 -9.81
N PRO A 112 -24.87 5.70 -10.81
CA PRO A 112 -24.87 7.14 -10.52
C PRO A 112 -26.01 7.43 -9.56
N SER A 113 -25.73 8.21 -8.53
CA SER A 113 -26.71 8.59 -7.54
C SER A 113 -26.52 10.05 -7.07
N TYR A 114 -27.23 10.42 -6.01
CA TYR A 114 -27.33 11.83 -5.62
C TYR A 114 -26.02 12.60 -5.80
N GLY A 115 -26.06 13.53 -6.76
CA GLY A 115 -24.85 14.12 -7.27
C GLY A 115 -24.10 14.94 -6.26
N LEU A 116 -22.95 15.45 -6.70
CA LEU A 116 -22.40 16.61 -6.07
C LEU A 116 -22.95 17.75 -6.86
N THR A 117 -23.27 18.78 -6.11
CA THR A 117 -23.55 20.07 -6.65
C THR A 117 -22.31 20.61 -7.39
N ASP A 118 -22.55 21.48 -8.34
CA ASP A 118 -21.48 22.11 -9.05
C ASP A 118 -20.60 22.93 -8.09
N SER A 119 -21.20 23.43 -7.02
CA SER A 119 -20.49 24.32 -6.15
C SER A 119 -19.62 23.52 -5.18
N GLU A 120 -20.04 22.32 -4.77
CA GLU A 120 -19.17 21.43 -4.00
C GLU A 120 -18.00 20.87 -4.87
N ILE A 121 -18.27 20.55 -6.13
CA ILE A 121 -17.24 20.14 -7.08
C ILE A 121 -16.20 21.27 -7.17
N ALA A 122 -16.66 22.49 -7.41
CA ALA A 122 -15.73 23.61 -7.52
C ALA A 122 -14.90 23.81 -6.27
N SER A 123 -15.53 23.65 -5.12
CA SER A 123 -14.84 23.84 -3.91
C SER A 123 -13.78 22.75 -3.68
N MET A 124 -14.05 21.51 -4.08
CA MET A 124 -13.08 20.46 -3.90
C MET A 124 -11.91 20.69 -4.86
N ILE A 125 -12.23 21.15 -6.07
CA ILE A 125 -11.12 21.49 -7.00
C ILE A 125 -10.28 22.61 -6.42
N LYS A 126 -10.90 23.68 -5.96
CA LYS A 126 -10.09 24.82 -5.50
C LYS A 126 -9.28 24.41 -4.21
N ASP A 127 -9.88 23.61 -3.30
CA ASP A 127 -9.14 23.18 -2.10
C ASP A 127 -7.91 22.37 -2.47
N SER A 128 -7.98 21.62 -3.55
CA SER A 128 -6.79 20.90 -3.91
C SER A 128 -5.56 21.72 -4.27
N MET A 129 -5.75 22.88 -4.85
CA MET A 129 -4.60 23.84 -5.02
C MET A 129 -4.29 24.54 -3.71
N SER A 130 -5.28 24.98 -2.98
CA SER A 130 -5.10 25.78 -1.75
C SER A 130 -4.31 24.97 -0.68
N TYR A 131 -4.54 23.66 -0.65
CA TYR A 131 -3.85 22.76 0.28
C TYR A 131 -2.82 21.88 -0.42
N ALA A 132 -2.34 22.29 -1.61
CA ALA A 132 -1.39 21.46 -2.35
C ALA A 132 -0.12 21.17 -1.55
N GLU A 133 0.44 22.17 -0.88
CA GLU A 133 1.73 21.96 -0.27
C GLU A 133 1.53 21.17 0.99
N GLN A 134 0.50 21.46 1.76
CA GLN A 134 0.20 20.70 2.95
C GLN A 134 0.04 19.22 2.55
N ASP A 135 -0.71 18.99 1.48
CA ASP A 135 -0.87 17.62 0.92
C ASP A 135 0.39 16.93 0.49
N VAL A 136 1.33 17.67 -0.11
CA VAL A 136 2.59 17.05 -0.49
C VAL A 136 3.33 16.58 0.80
N LYS A 137 3.36 17.42 1.81
CA LYS A 137 3.96 17.06 3.11
C LYS A 137 3.23 15.88 3.80
N ALA A 138 1.90 15.86 3.77
CA ALA A 138 1.12 14.79 4.33
C ALA A 138 1.43 13.42 3.60
N ARG A 139 1.52 13.45 2.27
CA ARG A 139 1.86 12.26 1.51
C ARG A 139 3.29 11.77 1.85
N MET A 140 4.22 12.69 2.00
CA MET A 140 5.58 12.28 2.31
C MET A 140 5.63 11.59 3.69
N LEU A 141 4.97 12.21 4.66
CA LEU A 141 4.77 11.64 6.00
C LEU A 141 4.18 10.26 5.96
N ALA A 142 3.02 10.12 5.31
CA ALA A 142 2.38 8.85 5.22
C ALA A 142 3.24 7.81 4.49
N GLU A 143 3.98 8.21 3.45
CA GLU A 143 4.77 7.23 2.71
C GLU A 143 5.97 6.77 3.60
N GLN A 144 6.44 7.63 4.48
CA GLN A 144 7.51 7.22 5.40
C GLN A 144 6.99 6.27 6.44
N LYS A 145 5.77 6.49 6.89
CA LYS A 145 5.10 5.56 7.79
C LYS A 145 4.87 4.21 7.16
N VAL A 146 4.52 4.20 5.89
CA VAL A 146 4.38 2.91 5.21
C VAL A 146 5.73 2.14 5.12
N GLU A 147 6.81 2.85 4.80
CA GLU A 147 8.13 2.29 4.76
C GLU A 147 8.53 1.74 6.12
N ALA A 148 8.17 2.45 7.19
CA ALA A 148 8.47 1.95 8.53
C ALA A 148 7.76 0.60 8.69
N ALA A 149 6.47 0.54 8.34
CA ALA A 149 5.74 -0.68 8.53
C ALA A 149 6.26 -1.77 7.63
N ARG A 150 6.77 -1.40 6.45
CA ARG A 150 7.29 -2.38 5.56
C ARG A 150 8.54 -3.04 6.21
N VAL A 151 9.40 -2.21 6.78
CA VAL A 151 10.66 -2.66 7.39
C VAL A 151 10.34 -3.56 8.63
N LEU A 152 9.37 -3.15 9.42
CA LEU A 152 8.96 -3.90 10.56
C LEU A 152 8.34 -5.27 10.20
N GLU A 153 7.62 -5.31 9.08
CA GLU A 153 6.99 -6.56 8.66
C GLU A 153 8.06 -7.53 8.16
N SER A 154 9.03 -7.02 7.42
CA SER A 154 10.09 -7.87 6.93
C SER A 154 10.94 -8.45 8.14
N LEU A 155 11.23 -7.60 9.12
CA LEU A 155 11.97 -8.05 10.33
C LEU A 155 11.16 -9.08 11.03
N HIS A 156 9.90 -8.79 11.24
CA HIS A 156 8.99 -9.73 11.88
C HIS A 156 9.04 -11.13 11.19
N GLY A 157 9.01 -11.18 9.84
CA GLY A 157 9.15 -12.44 9.15
C GLY A 157 10.51 -13.12 9.35
N ALA A 158 11.57 -12.33 9.28
CA ALA A 158 12.90 -12.87 9.46
C ALA A 158 13.05 -13.46 10.91
N LEU A 159 12.63 -12.74 11.92
CA LEU A 159 12.64 -13.28 13.29
C LEU A 159 11.83 -14.57 13.42
N ALA A 160 10.68 -14.60 12.77
CA ALA A 160 9.91 -15.83 12.76
C ALA A 160 10.66 -17.03 12.16
N ALA A 161 11.40 -16.78 11.11
CA ALA A 161 12.10 -17.82 10.48
C ALA A 161 13.38 -18.20 11.23
N ASP A 162 14.13 -17.18 11.67
CA ASP A 162 15.53 -17.36 11.98
C ASP A 162 16.02 -16.77 13.32
N ALA A 163 15.16 -16.81 14.33
CA ALA A 163 15.46 -16.27 15.64
C ALA A 163 16.68 -17.02 16.23
N ALA A 164 16.89 -18.23 15.75
CA ALA A 164 17.88 -19.13 16.26
C ALA A 164 19.27 -18.63 15.93
N LEU A 165 19.36 -17.61 15.06
CA LEU A 165 20.65 -17.14 14.62
C LEU A 165 21.09 -15.98 15.48
N LEU A 166 20.27 -15.58 16.43
CA LEU A 166 20.60 -14.44 17.27
C LEU A 166 20.72 -14.88 18.71
N SER A 167 21.70 -14.32 19.44
CA SER A 167 21.70 -14.41 20.91
C SER A 167 20.55 -13.58 21.55
N ALA A 168 20.12 -13.94 22.78
CA ALA A 168 19.14 -13.12 23.48
C ALA A 168 19.67 -11.76 23.64
N ALA A 169 20.99 -11.61 23.80
CA ALA A 169 21.58 -10.28 23.85
C ALA A 169 21.41 -9.47 22.56
N GLU A 170 21.81 -10.05 21.44
CA GLU A 170 21.66 -9.39 20.15
C GLU A 170 20.19 -9.15 19.83
N ARG A 171 19.34 -10.11 20.20
CA ARG A 171 17.92 -10.03 19.95
C ARG A 171 17.34 -8.84 20.73
N GLN A 172 17.88 -8.53 21.88
CA GLN A 172 17.31 -7.40 22.60
C GLN A 172 17.67 -6.06 21.92
N VAL A 173 18.87 -5.92 21.33
CA VAL A 173 19.25 -4.71 20.67
C VAL A 173 18.27 -4.47 19.47
N ILE A 174 17.97 -5.54 18.77
CA ILE A 174 17.09 -5.48 17.60
C ILE A 174 15.68 -5.12 18.00
N ASP A 175 15.17 -5.82 19.02
CA ASP A 175 13.85 -5.58 19.49
C ASP A 175 13.67 -4.13 19.99
N ASP A 176 14.71 -3.60 20.61
CA ASP A 176 14.68 -2.23 21.10
C ASP A 176 14.71 -1.27 19.89
N ALA A 177 15.51 -1.55 18.86
CA ALA A 177 15.50 -0.64 17.72
C ALA A 177 14.11 -0.66 17.04
N ALA A 178 13.49 -1.82 16.98
CA ALA A 178 12.23 -2.02 16.27
C ALA A 178 11.11 -1.38 17.03
N ALA A 179 11.09 -1.57 18.35
CA ALA A 179 10.14 -0.85 19.23
C ALA A 179 10.28 0.67 19.11
N HIS A 180 11.49 1.18 19.07
CA HIS A 180 11.66 2.61 18.91
C HIS A 180 11.16 3.14 17.52
N LEU A 181 11.35 2.37 16.46
CA LEU A 181 10.87 2.76 15.15
C LEU A 181 9.38 2.80 15.17
N SER A 182 8.79 1.78 15.76
CA SER A 182 7.38 1.65 15.87
C SER A 182 6.71 2.82 16.64
N GLU A 183 7.43 3.31 17.66
CA GLU A 183 6.97 4.46 18.45
C GLU A 183 7.04 5.76 17.62
N VAL A 184 8.17 6.05 16.99
CA VAL A 184 8.29 7.31 16.30
C VAL A 184 7.44 7.38 15.01
N ALA A 185 7.02 6.22 14.50
CA ALA A 185 6.25 6.11 13.29
C ALA A 185 4.84 6.48 13.64
N GLN A 186 4.54 6.55 14.94
CA GLN A 186 3.22 7.03 15.35
C GLN A 186 3.10 8.58 15.43
N GLY A 187 4.20 9.29 15.31
CA GLY A 187 4.18 10.71 15.44
C GLY A 187 4.19 11.34 14.08
N ASP A 188 4.70 12.55 13.99
CA ASP A 188 4.51 13.31 12.77
C ASP A 188 5.77 14.00 12.31
N ASP A 189 6.92 13.46 12.71
CA ASP A 189 8.24 13.93 12.26
C ASP A 189 8.90 12.99 11.29
N VAL A 190 8.96 13.42 10.05
CA VAL A 190 9.40 12.60 8.95
C VAL A 190 10.88 12.20 9.01
N ASP A 191 11.70 13.12 9.52
CA ASP A 191 13.15 12.96 9.58
C ASP A 191 13.55 11.95 10.64
N ALA A 192 12.77 11.96 11.71
CA ALA A 192 12.91 11.04 12.82
C ALA A 192 12.52 9.62 12.43
N ILE A 193 11.46 9.47 11.62
CA ILE A 193 11.05 8.15 11.17
C ILE A 193 12.20 7.67 10.29
N GLU A 194 12.64 8.51 9.37
CA GLU A 194 13.73 8.11 8.51
C GLU A 194 14.97 7.64 9.29
N GLN A 195 15.32 8.31 10.39
CA GLN A 195 16.53 8.00 11.11
C GLN A 195 16.30 6.68 11.86
N ALA A 196 15.11 6.49 12.40
CA ALA A 196 14.76 5.26 13.11
C ALA A 196 14.81 4.02 12.15
N ILE A 197 14.46 4.20 10.88
CA ILE A 197 14.49 3.08 9.90
C ILE A 197 15.94 2.76 9.66
N LYS A 198 16.74 3.81 9.41
CA LYS A 198 18.16 3.65 9.24
C LYS A 198 18.86 2.88 10.41
N ASN A 199 18.41 3.12 11.66
CA ASN A 199 18.89 2.47 12.87
C ASN A 199 18.47 1.00 12.88
N VAL A 200 17.22 0.70 12.50
CA VAL A 200 16.83 -0.70 12.37
C VAL A 200 17.64 -1.39 11.35
N ASP A 201 17.91 -0.76 10.21
CA ASP A 201 18.75 -1.35 9.14
C ASP A 201 20.18 -1.64 9.60
N LYS A 202 20.78 -0.67 10.28
CA LYS A 202 22.12 -0.87 10.80
C LYS A 202 22.14 -1.93 11.87
N GLN A 203 21.16 -1.99 12.79
CA GLN A 203 21.14 -3.03 13.84
C GLN A 203 20.82 -4.42 13.30
N THR A 204 20.35 -4.54 12.05
CA THR A 204 19.96 -5.87 11.56
C THR A 204 20.92 -6.31 10.49
N GLN A 205 21.94 -5.52 10.19
CA GLN A 205 22.81 -5.90 9.08
C GLN A 205 23.51 -7.27 9.27
N ASP A 206 24.01 -7.55 10.46
CA ASP A 206 24.70 -8.79 10.78
C ASP A 206 23.71 -9.97 10.67
N PHE A 207 22.56 -9.84 11.31
CA PHE A 207 21.44 -10.81 11.23
C PHE A 207 21.17 -11.09 9.75
N ALA A 208 20.98 -10.05 8.91
CA ALA A 208 20.63 -10.34 7.52
C ALA A 208 21.76 -11.09 6.85
N ALA A 209 22.98 -10.76 7.18
CA ALA A 209 24.12 -11.45 6.56
C ALA A 209 24.27 -12.91 6.99
N ARG A 210 24.02 -13.20 8.26
CA ARG A 210 23.96 -14.58 8.78
C ARG A 210 22.86 -15.40 8.13
N ARG A 211 21.68 -14.82 7.90
CA ARG A 211 20.66 -15.46 7.13
C ARG A 211 21.15 -15.77 5.68
N MET A 212 21.79 -14.83 4.96
CA MET A 212 22.31 -15.14 3.61
C MET A 212 23.40 -16.25 3.73
N ASP A 213 24.30 -16.09 4.69
CA ASP A 213 25.45 -17.02 4.89
C ASP A 213 24.92 -18.42 5.06
N GLN A 214 23.88 -18.52 5.85
CA GLN A 214 23.24 -19.80 6.07
C GLN A 214 22.67 -20.42 4.76
N SER A 215 21.87 -19.64 4.00
CA SER A 215 21.37 -20.12 2.70
C SER A 215 22.55 -20.48 1.80
N VAL A 216 23.64 -19.72 1.82
CA VAL A 216 24.70 -20.01 0.84
C VAL A 216 25.50 -21.26 1.23
N ARG A 217 26.00 -21.31 2.48
CA ARG A 217 26.70 -22.52 2.98
C ARG A 217 25.82 -23.74 2.70
N ARG A 218 24.53 -23.67 2.94
CA ARG A 218 23.64 -24.84 2.72
C ARG A 218 23.49 -25.25 1.24
N ALA A 219 23.20 -24.28 0.37
CA ALA A 219 23.08 -24.61 -1.04
C ALA A 219 24.43 -25.16 -1.57
N LEU A 220 25.53 -24.51 -1.19
CA LEU A 220 26.88 -24.73 -1.78
C LEU A 220 27.69 -25.90 -1.16
N LYS A 221 27.65 -26.04 0.15
CA LYS A 221 28.43 -27.07 0.85
C LYS A 221 27.51 -28.21 1.34
N GLY A 222 26.21 -27.91 1.41
CA GLY A 222 25.19 -28.88 1.72
C GLY A 222 24.66 -28.73 3.14
N HIS A 223 23.57 -29.43 3.38
CA HIS A 223 22.83 -29.37 4.63
C HIS A 223 23.33 -30.42 5.61
N SER A 224 22.95 -30.24 6.87
CA SER A 224 23.31 -31.21 7.92
C SER A 224 22.03 -31.50 8.70
N VAL A 225 21.74 -32.78 8.90
CA VAL A 225 20.53 -33.19 9.63
C VAL A 225 20.54 -32.57 11.06
N ASP A 226 21.74 -32.26 11.58
CA ASP A 226 21.94 -31.52 12.85
C ASP A 226 21.09 -30.23 12.94
N GLU A 227 21.59 -29.13 12.35
CA GLU A 227 20.78 -27.94 12.04
C GLU A 227 21.49 -27.20 10.91
N GLU B 1 -9.39 -5.75 6.01
CA GLU B 1 -8.46 -6.30 4.99
C GLU B 1 -7.54 -5.10 4.58
N LEU B 2 -6.29 -5.37 4.24
CA LEU B 2 -5.33 -4.31 3.91
C LEU B 2 -5.62 -3.73 2.54
N PRO B 3 -5.39 -2.43 2.37
CA PRO B 3 -5.54 -1.87 1.04
C PRO B 3 -4.21 -2.22 0.24
N PRO B 4 -4.25 -1.97 -1.02
CA PRO B 4 -3.13 -2.24 -1.91
C PRO B 4 -1.94 -1.36 -1.65
N VAL B 5 -0.78 -1.87 -2.07
CA VAL B 5 0.46 -1.11 -2.06
C VAL B 5 0.83 -0.92 -3.54
N LYS B 6 1.34 0.22 -3.99
CA LYS B 6 1.68 0.35 -5.38
C LYS B 6 2.80 -0.70 -5.69
N ILE B 7 2.68 -1.40 -6.81
CA ILE B 7 3.66 -2.46 -7.16
C ILE B 7 4.91 -1.91 -7.81
N HIS B 8 4.88 -0.65 -8.21
CA HIS B 8 6.08 -0.01 -8.82
C HIS B 8 6.04 1.49 -8.56
N CYS B 9 6.94 2.25 -9.14
CA CYS B 9 7.07 3.69 -8.83
C CYS B 9 5.74 4.46 -8.73
#